data_9JTH
#
_entry.id   9JTH
#
_cell.length_a   108.169
_cell.length_b   108.169
_cell.length_c   198.058
_cell.angle_alpha   90.00
_cell.angle_beta   90.00
_cell.angle_gamma   90.00
#
_symmetry.space_group_name_H-M   'I 41 2 2'
#
loop_
_entity.id
_entity.type
_entity.pdbx_description
1 polymer NahX
2 water water
#
_entity_poly.entity_id   1
_entity_poly.type   'polypeptide(L)'
_entity_poly.pdbx_seq_one_letter_code
;MIISTLETNLIWQAALRAVQAASDHASALGIRIHVAVVDRAGLNLVFLSMNGAFLHSADIARDKAYTAAGFGFPTGQWLQ
VLGDNERLRIGIPARERLVVFGGGLPVLLDRQCIGGIGVSGGSEEQDEACAEAGLRAMLG
;
_entity_poly.pdbx_strand_id   A,B,C,D
#
# COMPACT_ATOMS: atom_id res chain seq x y z
N MET A 1 -36.70 -18.03 14.14
CA MET A 1 -36.26 -18.37 15.48
C MET A 1 -34.87 -19.04 15.50
N ILE A 2 -34.44 -19.60 14.37
CA ILE A 2 -33.07 -20.10 14.27
C ILE A 2 -32.12 -18.92 14.14
N ILE A 3 -31.13 -18.84 15.02
CA ILE A 3 -30.19 -17.73 15.03
C ILE A 3 -28.76 -18.15 14.89
N SER A 4 -28.47 -19.45 14.85
CA SER A 4 -27.09 -19.90 14.96
C SER A 4 -26.80 -21.04 14.00
N THR A 5 -25.51 -21.24 13.76
CA THR A 5 -25.02 -22.34 12.93
C THR A 5 -23.81 -22.94 13.61
N LEU A 6 -23.60 -24.24 13.42
CA LEU A 6 -22.42 -24.91 14.02
C LEU A 6 -21.31 -24.94 12.96
N GLU A 7 -20.15 -24.40 13.32
CA GLU A 7 -19.03 -24.34 12.36
C GLU A 7 -17.82 -25.07 12.95
N THR A 8 -17.06 -25.74 12.09
CA THR A 8 -15.84 -26.42 12.52
C THR A 8 -14.72 -25.41 12.56
N ASN A 9 -13.90 -25.46 13.61
CA ASN A 9 -12.79 -24.53 13.76
C ASN A 9 -11.54 -25.28 14.20
N LEU A 10 -10.40 -24.84 13.70
CA LEU A 10 -9.11 -25.39 14.11
C LEU A 10 -8.83 -25.05 15.57
N ILE A 11 -8.23 -26.00 16.30
CA ILE A 11 -7.96 -25.81 17.72
C ILE A 11 -6.50 -25.48 17.97
N TRP A 12 -6.23 -24.77 19.06
CA TRP A 12 -4.88 -24.28 19.31
C TRP A 12 -3.89 -25.41 19.55
N GLN A 13 -4.34 -26.56 20.09
CA GLN A 13 -3.41 -27.68 20.33
C GLN A 13 -2.83 -28.20 19.01
N ALA A 14 -3.66 -28.28 17.98
CA ALA A 14 -3.21 -28.72 16.66
C ALA A 14 -2.28 -27.69 16.03
N ALA A 15 -2.61 -26.40 16.20
CA ALA A 15 -1.74 -25.34 15.71
C ALA A 15 -0.36 -25.43 16.34
N LEU A 16 -0.33 -25.77 17.63
CA LEU A 16 0.93 -25.91 18.33
C LEU A 16 1.75 -27.07 17.76
N ARG A 17 1.10 -28.23 17.54
CA ARG A 17 1.82 -29.32 16.87
C ARG A 17 2.39 -28.86 15.52
N ALA A 18 1.62 -28.05 14.79
CA ALA A 18 2.07 -27.62 13.45
C ALA A 18 3.31 -26.75 13.53
N VAL A 19 3.34 -25.78 14.46
CA VAL A 19 4.51 -24.90 14.50
C VAL A 19 5.74 -25.67 15.01
N GLN A 20 5.54 -26.66 15.90
CA GLN A 20 6.66 -27.51 16.31
C GLN A 20 7.25 -28.25 15.10
N ALA A 21 6.37 -28.84 14.28
CA ALA A 21 6.88 -29.59 13.13
C ALA A 21 7.48 -28.70 12.05
N ALA A 22 6.86 -27.54 11.79
CA ALA A 22 7.37 -26.64 10.77
C ALA A 22 8.75 -26.10 11.14
N SER A 23 8.93 -25.71 12.40
CA SER A 23 10.23 -25.23 12.84
C SER A 23 11.27 -26.34 12.85
N ASP A 24 10.87 -27.56 13.26
CA ASP A 24 11.84 -28.66 13.23
C ASP A 24 12.28 -28.94 11.79
N HIS A 25 11.33 -28.86 10.85
CA HIS A 25 11.68 -29.04 9.44
C HIS A 25 12.61 -27.95 8.94
N ALA A 26 12.36 -26.69 9.34
CA ALA A 26 13.27 -25.62 8.96
C ALA A 26 14.68 -25.90 9.49
N SER A 27 14.77 -26.34 10.75
CA SER A 27 16.08 -26.68 11.31
C SER A 27 16.77 -27.76 10.50
N ALA A 28 16.00 -28.79 10.09
CA ALA A 28 16.57 -29.86 9.26
C ALA A 28 17.05 -29.36 7.90
N LEU A 29 16.37 -28.34 7.35
CA LEU A 29 16.77 -27.75 6.09
C LEU A 29 17.89 -26.73 6.24
N GLY A 30 18.24 -26.34 7.47
CA GLY A 30 19.24 -25.30 7.68
C GLY A 30 18.76 -23.88 7.48
N ILE A 31 17.47 -23.66 7.65
CA ILE A 31 16.90 -22.28 7.44
C ILE A 31 16.24 -21.74 8.71
N ARG A 32 15.96 -20.45 8.69
CA ARG A 32 15.25 -19.81 9.81
C ARG A 32 13.94 -19.25 9.25
N ILE A 33 12.83 -19.61 9.88
CA ILE A 33 11.52 -19.17 9.34
C ILE A 33 10.57 -18.61 10.40
N HIS A 34 9.56 -17.91 9.92
CA HIS A 34 8.37 -17.60 10.70
C HIS A 34 7.26 -18.51 10.22
N VAL A 35 6.44 -19.02 11.14
CA VAL A 35 5.28 -19.84 10.78
C VAL A 35 4.08 -19.36 11.59
N ALA A 36 3.00 -19.05 10.90
CA ALA A 36 1.77 -18.58 11.53
C ALA A 36 0.66 -19.57 11.24
N VAL A 37 -0.15 -19.88 12.25
CA VAL A 37 -1.34 -20.70 12.09
C VAL A 37 -2.51 -19.87 12.61
N VAL A 38 -3.57 -19.76 11.80
CA VAL A 38 -4.76 -18.98 12.14
C VAL A 38 -5.97 -19.89 12.05
N ASP A 39 -7.06 -19.44 12.70
CA ASP A 39 -8.32 -20.21 12.70
C ASP A 39 -9.21 -19.82 11.52
N ARG A 40 -10.46 -20.29 11.55
CA ARG A 40 -11.35 -20.09 10.39
C ARG A 40 -11.69 -18.60 10.16
N ALA A 41 -11.62 -17.80 11.21
CA ALA A 41 -11.87 -16.37 11.08
C ALA A 41 -10.58 -15.58 10.85
N GLY A 42 -9.46 -16.26 10.63
CA GLY A 42 -8.21 -15.57 10.40
C GLY A 42 -7.49 -15.06 11.63
N LEU A 43 -7.93 -15.47 12.82
CA LEU A 43 -7.33 -15.02 14.07
C LEU A 43 -6.20 -15.94 14.47
N ASN A 44 -5.17 -15.37 15.11
CA ASN A 44 -4.03 -16.16 15.54
C ASN A 44 -4.45 -17.36 16.37
N LEU A 45 -3.80 -18.50 16.11
CA LEU A 45 -3.74 -19.61 17.05
C LEU A 45 -2.32 -19.77 17.57
N VAL A 46 -1.31 -19.96 16.70
CA VAL A 46 0.08 -19.90 17.15
C VAL A 46 0.92 -19.25 16.05
N PHE A 47 1.81 -18.34 16.46
CA PHE A 47 2.72 -17.65 15.56
C PHE A 47 4.12 -17.76 16.14
N LEU A 48 5.02 -18.43 15.42
CA LEU A 48 6.37 -18.73 15.90
C LEU A 48 7.39 -18.09 14.97
N SER A 49 8.40 -17.44 15.56
CA SER A 49 9.47 -16.78 14.79
C SER A 49 10.82 -17.32 15.25
N MET A 50 11.54 -18.03 14.38
CA MET A 50 12.90 -18.46 14.75
C MET A 50 13.91 -17.31 14.71
N ASN A 51 14.77 -17.24 15.72
CA ASN A 51 15.84 -16.24 15.74
C ASN A 51 16.59 -16.26 14.41
N GLY A 52 16.85 -15.07 13.88
CA GLY A 52 17.61 -14.97 12.65
C GLY A 52 16.80 -15.08 11.37
N ALA A 53 15.49 -15.25 11.45
CA ALA A 53 14.67 -15.21 10.24
C ALA A 53 14.54 -13.77 9.75
N PHE A 54 14.29 -13.58 8.46
CA PHE A 54 14.19 -12.23 7.90
C PHE A 54 13.13 -11.42 8.66
N LEU A 55 13.42 -10.12 8.87
CA LEU A 55 12.48 -9.32 9.66
C LEU A 55 11.11 -9.20 8.98
N HIS A 56 11.12 -8.91 7.68
CA HIS A 56 9.87 -8.75 6.92
C HIS A 56 9.05 -10.04 6.90
N SER A 57 9.70 -11.18 7.12
CA SER A 57 8.99 -12.44 6.96
C SER A 57 7.99 -12.69 8.08
N ALA A 58 8.10 -11.95 9.20
CA ALA A 58 7.09 -12.10 10.26
C ALA A 58 5.68 -11.80 9.71
N ASP A 59 5.48 -10.59 9.20
CA ASP A 59 4.18 -10.24 8.65
C ASP A 59 3.84 -11.06 7.41
N ILE A 60 4.86 -11.47 6.63
CA ILE A 60 4.52 -12.24 5.45
C ILE A 60 3.90 -13.57 5.87
N ALA A 61 4.48 -14.21 6.90
CA ALA A 61 3.91 -15.49 7.34
C ALA A 61 2.48 -15.29 7.82
N ARG A 62 2.25 -14.23 8.61
CA ARG A 62 0.91 -14.00 9.13
C ARG A 62 -0.05 -13.78 7.98
N ASP A 63 0.38 -13.00 6.98
CA ASP A 63 -0.52 -12.67 5.88
C ASP A 63 -0.76 -13.89 5.01
N LYS A 64 0.25 -14.77 4.88
CA LYS A 64 0.04 -15.99 4.11
C LYS A 64 -1.04 -16.86 4.76
N ALA A 65 -0.95 -17.01 6.10
CA ALA A 65 -1.94 -17.83 6.79
C ALA A 65 -3.32 -17.23 6.64
N TYR A 66 -3.39 -15.90 6.75
CA TYR A 66 -4.69 -15.23 6.67
C TYR A 66 -5.29 -15.39 5.29
N THR A 67 -4.45 -15.26 4.26
CA THR A 67 -4.95 -15.37 2.90
C THR A 67 -5.46 -16.78 2.64
N ALA A 68 -4.69 -17.78 3.11
CA ALA A 68 -5.08 -19.15 2.83
C ALA A 68 -6.35 -19.49 3.59
N ALA A 69 -6.50 -18.97 4.81
CA ALA A 69 -7.71 -19.26 5.55
C ALA A 69 -8.87 -18.48 4.96
N GLY A 70 -8.61 -17.28 4.45
CA GLY A 70 -9.71 -16.43 4.01
C GLY A 70 -10.29 -16.87 2.68
N PHE A 71 -9.49 -17.53 1.85
CA PHE A 71 -9.96 -17.97 0.53
C PHE A 71 -10.06 -19.48 0.39
N GLY A 72 -9.38 -20.25 1.24
CA GLY A 72 -9.48 -21.69 1.18
C GLY A 72 -8.64 -22.39 0.15
N PHE A 73 -7.62 -21.73 -0.40
CA PHE A 73 -6.75 -22.39 -1.38
C PHE A 73 -5.35 -21.82 -1.23
N PRO A 74 -4.32 -22.55 -1.71
CA PRO A 74 -2.92 -22.13 -1.48
C PRO A 74 -2.60 -20.78 -2.10
N THR A 75 -1.84 -19.96 -1.38
CA THR A 75 -1.54 -18.61 -1.88
C THR A 75 -0.79 -18.66 -3.21
N GLY A 76 0.05 -19.68 -3.41
CA GLY A 76 0.81 -19.78 -4.64
C GLY A 76 -0.03 -19.96 -5.89
N GLN A 77 -1.30 -20.31 -5.75
CA GLN A 77 -2.16 -20.51 -6.91
C GLN A 77 -2.84 -19.23 -7.40
N TRP A 78 -2.62 -18.09 -6.72
CA TRP A 78 -3.40 -16.90 -7.06
C TRP A 78 -3.24 -16.48 -8.52
N LEU A 79 -2.01 -16.44 -9.02
CA LEU A 79 -1.83 -15.94 -10.38
C LEU A 79 -2.55 -16.85 -11.38
N GLN A 80 -2.49 -18.16 -11.14
CA GLN A 80 -3.22 -19.08 -12.02
C GLN A 80 -4.72 -18.79 -11.95
N VAL A 81 -5.22 -18.52 -10.74
CA VAL A 81 -6.63 -18.22 -10.56
C VAL A 81 -7.00 -16.92 -11.26
N LEU A 82 -6.10 -15.93 -11.24
CA LEU A 82 -6.43 -14.65 -11.88
C LEU A 82 -6.38 -14.74 -13.40
N GLY A 83 -5.52 -15.61 -13.93
CA GLY A 83 -5.46 -15.80 -15.38
C GLY A 83 -5.11 -14.51 -16.11
N ASP A 84 -5.81 -14.27 -17.21
CA ASP A 84 -5.52 -13.15 -18.09
C ASP A 84 -6.36 -11.92 -17.77
N ASN A 85 -7.08 -11.92 -16.66
CA ASN A 85 -7.95 -10.80 -16.29
C ASN A 85 -7.10 -9.67 -15.72
N GLU A 86 -6.92 -8.59 -16.49
CA GLU A 86 -6.04 -7.51 -16.05
C GLU A 86 -6.63 -6.69 -14.90
N ARG A 87 -7.95 -6.55 -14.85
CA ARG A 87 -8.57 -5.87 -13.71
C ARG A 87 -8.24 -6.56 -12.40
N LEU A 88 -8.34 -7.89 -12.37
CA LEU A 88 -8.03 -8.65 -11.17
C LEU A 88 -6.53 -8.68 -10.90
N ARG A 89 -5.70 -8.82 -11.94
CA ARG A 89 -4.26 -8.85 -11.75
C ARG A 89 -3.74 -7.56 -11.13
N ILE A 90 -4.37 -6.43 -11.46
CA ILE A 90 -3.98 -5.18 -10.82
C ILE A 90 -4.60 -5.07 -9.43
N GLY A 91 -5.90 -5.36 -9.30
CA GLY A 91 -6.60 -5.09 -8.05
C GLY A 91 -6.40 -6.07 -6.91
N ILE A 92 -6.34 -7.36 -7.19
CA ILE A 92 -6.29 -8.37 -6.13
C ILE A 92 -4.97 -8.30 -5.37
N PRO A 93 -3.81 -8.26 -6.03
CA PRO A 93 -2.55 -8.19 -5.27
C PRO A 93 -2.36 -6.89 -4.49
N ALA A 94 -3.17 -5.86 -4.76
CA ALA A 94 -3.09 -4.60 -4.05
C ALA A 94 -3.87 -4.59 -2.73
N ARG A 95 -4.60 -5.65 -2.42
CA ARG A 95 -5.36 -5.69 -1.16
C ARG A 95 -4.46 -5.87 0.05
N GLU A 96 -4.84 -5.25 1.17
CA GLU A 96 -4.10 -5.42 2.41
C GLU A 96 -4.06 -6.89 2.82
N ARG A 97 -2.89 -7.34 3.28
CA ARG A 97 -2.62 -8.67 3.80
C ARG A 97 -2.92 -9.80 2.81
N LEU A 98 -3.05 -9.53 1.51
CA LEU A 98 -3.30 -10.59 0.54
C LEU A 98 -1.97 -10.95 -0.12
N VAL A 99 -1.55 -12.21 -0.01
CA VAL A 99 -0.25 -12.67 -0.51
C VAL A 99 -0.49 -13.61 -1.68
N VAL A 100 0.18 -13.37 -2.81
CA VAL A 100 0.03 -14.17 -4.01
C VAL A 100 1.27 -15.00 -4.30
N PHE A 101 2.23 -15.07 -3.39
CA PHE A 101 3.35 -16.00 -3.62
C PHE A 101 3.25 -17.17 -2.64
N GLY A 102 3.98 -18.25 -2.94
CA GLY A 102 3.74 -19.52 -2.25
C GLY A 102 4.21 -19.52 -0.81
N GLY A 103 3.52 -20.33 0.01
CA GLY A 103 3.88 -20.51 1.41
C GLY A 103 2.69 -20.53 2.36
N GLY A 104 1.51 -20.15 1.88
CA GLY A 104 0.27 -20.24 2.66
C GLY A 104 -0.59 -21.38 2.15
N LEU A 105 -1.04 -22.23 3.08
CA LEU A 105 -1.87 -23.37 2.74
C LEU A 105 -3.13 -23.36 3.60
N PRO A 106 -4.28 -23.68 3.04
CA PRO A 106 -5.47 -23.83 3.87
C PRO A 106 -5.39 -25.09 4.70
N VAL A 107 -6.05 -25.08 5.85
CA VAL A 107 -6.24 -26.28 6.66
C VAL A 107 -7.62 -26.84 6.32
N LEU A 108 -7.64 -27.96 5.60
CA LEU A 108 -8.86 -28.55 5.09
C LEU A 108 -9.23 -29.79 5.91
N LEU A 109 -10.50 -29.88 6.30
CA LEU A 109 -11.02 -31.02 7.02
C LEU A 109 -12.38 -31.35 6.43
N ASP A 110 -12.53 -32.55 5.87
CA ASP A 110 -13.80 -32.97 5.29
C ASP A 110 -14.24 -31.96 4.23
N ARG A 111 -13.26 -31.51 3.42
CA ARG A 111 -13.51 -30.62 2.28
C ARG A 111 -13.92 -29.21 2.67
N GLN A 112 -13.52 -28.76 3.86
CA GLN A 112 -14.01 -27.52 4.45
C GLN A 112 -12.78 -26.86 5.04
N CYS A 113 -12.59 -25.56 4.79
CA CYS A 113 -11.45 -24.83 5.32
C CYS A 113 -11.75 -24.38 6.75
N ILE A 114 -10.89 -24.77 7.69
CA ILE A 114 -11.08 -24.45 9.10
C ILE A 114 -9.93 -23.61 9.67
N GLY A 115 -9.02 -23.15 8.81
CA GLY A 115 -7.91 -22.34 9.27
C GLY A 115 -6.85 -22.23 8.19
N GLY A 116 -5.68 -21.72 8.56
CA GLY A 116 -4.61 -21.55 7.60
C GLY A 116 -3.24 -21.64 8.24
N ILE A 117 -2.24 -22.02 7.44
CA ILE A 117 -0.85 -22.03 7.87
C ILE A 117 -0.02 -21.26 6.85
N GLY A 118 0.88 -20.41 7.34
CA GLY A 118 1.74 -19.63 6.45
C GLY A 118 3.16 -19.66 6.93
N VAL A 119 4.11 -19.85 6.03
CA VAL A 119 5.54 -19.90 6.35
C VAL A 119 6.26 -18.88 5.49
N SER A 120 7.21 -18.16 6.10
CA SER A 120 8.02 -17.25 5.31
C SER A 120 9.44 -17.26 5.86
N GLY A 121 10.43 -17.06 4.98
CA GLY A 121 11.82 -17.01 5.40
C GLY A 121 12.76 -17.78 4.49
N GLY A 122 12.21 -18.70 3.71
CA GLY A 122 13.01 -19.42 2.74
C GLY A 122 12.55 -19.12 1.33
N SER A 123 12.89 -19.99 0.38
CA SER A 123 12.27 -19.94 -0.94
C SER A 123 10.80 -20.36 -0.84
N GLU A 124 10.03 -20.08 -1.91
CA GLU A 124 8.63 -20.53 -1.92
C GLU A 124 8.55 -22.03 -1.69
N GLU A 125 9.47 -22.77 -2.32
CA GLU A 125 9.46 -24.21 -2.21
C GLU A 125 9.78 -24.66 -0.79
N GLN A 126 10.75 -23.99 -0.14
CA GLN A 126 11.05 -24.31 1.25
C GLN A 126 9.90 -23.93 2.18
N ASP A 127 9.28 -22.76 1.93
CA ASP A 127 8.15 -22.33 2.77
C ASP A 127 7.02 -23.34 2.69
N GLU A 128 6.71 -23.79 1.48
CA GLU A 128 5.58 -24.72 1.32
C GLU A 128 5.90 -26.06 2.01
N ALA A 129 7.13 -26.53 1.88
CA ALA A 129 7.51 -27.82 2.52
C ALA A 129 7.30 -27.75 4.05
N CYS A 130 7.73 -26.64 4.65
CA CYS A 130 7.60 -26.49 6.12
C CYS A 130 6.11 -26.44 6.50
N ALA A 131 5.33 -25.72 5.69
CA ALA A 131 3.88 -25.63 5.96
C ALA A 131 3.24 -27.01 5.90
N GLU A 132 3.68 -27.81 4.92
CA GLU A 132 3.11 -29.17 4.72
C GLU A 132 3.51 -30.06 5.90
N ALA A 133 4.74 -29.89 6.39
CA ALA A 133 5.16 -30.65 7.59
C ALA A 133 4.20 -30.28 8.73
N GLY A 134 3.96 -28.98 8.88
CA GLY A 134 3.01 -28.54 9.93
C GLY A 134 1.65 -29.18 9.78
N LEU A 135 1.11 -29.19 8.58
CA LEU A 135 -0.23 -29.76 8.33
C LEU A 135 -0.24 -31.25 8.71
N ARG A 136 0.80 -31.97 8.30
CA ARG A 136 0.87 -33.42 8.59
C ARG A 136 0.93 -33.63 10.11
N ALA A 137 1.59 -32.74 10.84
CA ALA A 137 1.69 -32.86 12.32
C ALA A 137 0.33 -32.64 13.00
N MET A 138 -0.55 -31.86 12.37
CA MET A 138 -1.89 -31.61 12.97
C MET A 138 -2.67 -32.92 12.99
N LEU A 139 -2.70 -33.63 11.87
CA LEU A 139 -3.43 -34.91 11.80
C LEU A 139 -2.43 -36.08 11.83
N MET B 1 17.88 -25.52 31.76
CA MET B 1 18.13 -25.69 30.34
C MET B 1 18.65 -24.39 29.71
N ILE B 2 19.19 -24.50 28.49
CA ILE B 2 19.67 -23.32 27.77
C ILE B 2 18.49 -22.52 27.23
N ILE B 3 18.50 -21.22 27.50
CA ILE B 3 17.44 -20.33 27.05
C ILE B 3 17.95 -19.17 26.22
N SER B 4 19.26 -19.06 26.01
CA SER B 4 19.78 -17.85 25.43
C SER B 4 20.85 -18.15 24.39
N THR B 5 21.12 -17.16 23.56
CA THR B 5 22.16 -17.21 22.56
C THR B 5 22.84 -15.85 22.55
N LEU B 6 24.11 -15.83 22.18
CA LEU B 6 24.86 -14.60 22.11
C LEU B 6 24.80 -14.08 20.67
N GLU B 7 24.40 -12.83 20.51
CA GLU B 7 24.23 -12.26 19.18
C GLU B 7 25.10 -11.02 19.07
N THR B 8 25.72 -10.84 17.90
CA THR B 8 26.48 -9.64 17.60
C THR B 8 25.56 -8.52 17.12
N ASN B 9 25.74 -7.31 17.67
CA ASN B 9 24.91 -6.18 17.30
C ASN B 9 25.74 -4.92 17.06
N LEU B 10 25.33 -4.13 16.07
CA LEU B 10 25.96 -2.83 15.81
C LEU B 10 25.73 -1.86 16.96
N ILE B 11 26.75 -1.05 17.28
CA ILE B 11 26.67 -0.12 18.40
C ILE B 11 26.46 1.29 17.87
N TRP B 12 25.84 2.12 18.73
CA TRP B 12 25.44 3.47 18.31
C TRP B 12 26.62 4.35 17.99
N GLN B 13 27.78 4.15 18.65
CA GLN B 13 28.95 4.98 18.34
C GLN B 13 29.38 4.79 16.89
N ALA B 14 29.32 3.55 16.41
CA ALA B 14 29.67 3.27 15.02
C ALA B 14 28.64 3.85 14.06
N ALA B 15 27.36 3.78 14.42
CA ALA B 15 26.32 4.39 13.58
C ALA B 15 26.54 5.90 13.47
N LEU B 16 26.94 6.53 14.57
CA LEU B 16 27.19 7.97 14.56
C LEU B 16 28.35 8.31 13.62
N ARG B 17 29.43 7.54 13.71
CA ARG B 17 30.53 7.74 12.76
C ARG B 17 30.04 7.59 11.33
N ALA B 18 29.15 6.62 11.09
CA ALA B 18 28.66 6.36 9.74
C ALA B 18 27.84 7.52 9.20
N VAL B 19 26.91 8.06 10.00
CA VAL B 19 26.10 9.15 9.47
C VAL B 19 26.96 10.40 9.26
N GLN B 20 27.98 10.60 10.10
CA GLN B 20 28.91 11.70 9.84
C GLN B 20 29.57 11.53 8.48
N ALA B 21 30.08 10.33 8.18
CA ALA B 21 30.77 10.12 6.92
C ALA B 21 29.82 10.20 5.72
N ALA B 22 28.61 9.66 5.85
CA ALA B 22 27.66 9.69 4.74
C ALA B 22 27.25 11.12 4.42
N SER B 23 26.98 11.94 5.44
CA SER B 23 26.62 13.32 5.17
C SER B 23 27.81 14.10 4.62
N ASP B 24 29.02 13.83 5.12
CA ASP B 24 30.17 14.53 4.56
C ASP B 24 30.35 14.17 3.08
N HIS B 25 30.12 12.91 2.73
CA HIS B 25 30.20 12.50 1.33
C HIS B 25 29.14 13.21 0.49
N ALA B 26 27.92 13.31 1.02
CA ALA B 26 26.86 14.05 0.32
C ALA B 26 27.27 15.48 0.06
N SER B 27 27.83 16.14 1.08
CA SER B 27 28.31 17.51 0.92
C SER B 27 29.36 17.58 -0.17
N ALA B 28 30.29 16.61 -0.18
CA ALA B 28 31.33 16.61 -1.20
C ALA B 28 30.76 16.43 -2.60
N LEU B 29 29.64 15.71 -2.73
CA LEU B 29 28.97 15.51 -4.01
C LEU B 29 28.05 16.67 -4.41
N GLY B 30 27.77 17.61 -3.50
CA GLY B 30 26.79 18.66 -3.76
C GLY B 30 25.31 18.27 -3.66
N ILE B 31 25.08 17.27 -2.82
CA ILE B 31 23.69 16.77 -2.66
C ILE B 31 23.30 16.83 -1.18
N ARG B 32 22.00 16.68 -0.95
CA ARG B 32 21.46 16.68 0.43
C ARG B 32 20.72 15.37 0.63
N ILE B 33 21.05 14.69 1.72
CA ILE B 33 20.47 13.33 1.91
C ILE B 33 19.94 13.07 3.31
N HIS B 34 19.12 12.04 3.40
CA HIS B 34 18.80 11.39 4.67
C HIS B 34 19.60 10.09 4.74
N VAL B 35 20.11 9.77 5.93
CA VAL B 35 20.85 8.51 6.13
C VAL B 35 20.39 7.90 7.45
N ALA B 36 19.97 6.63 7.39
CA ALA B 36 19.50 5.91 8.56
C ALA B 36 20.42 4.72 8.82
N VAL B 37 20.75 4.49 10.09
CA VAL B 37 21.49 3.31 10.50
C VAL B 37 20.64 2.60 11.55
N VAL B 38 20.42 1.31 11.36
CA VAL B 38 19.60 0.50 12.25
C VAL B 38 20.45 -0.68 12.72
N ASP B 39 20.00 -1.25 13.84
CA ASP B 39 20.70 -2.43 14.39
C ASP B 39 20.18 -3.73 13.78
N ARG B 40 20.54 -4.85 14.39
CA ARG B 40 20.19 -6.18 13.85
C ARG B 40 18.69 -6.44 13.86
N ALA B 41 17.97 -5.79 14.76
CA ALA B 41 16.51 -5.96 14.87
C ALA B 41 15.79 -4.92 14.02
N GLY B 42 16.54 -4.11 13.28
CA GLY B 42 15.92 -3.07 12.50
C GLY B 42 15.55 -1.83 13.27
N LEU B 43 16.04 -1.68 14.50
CA LEU B 43 15.69 -0.54 15.34
C LEU B 43 16.68 0.59 15.12
N ASN B 44 16.19 1.82 15.24
CA ASN B 44 17.06 2.98 15.00
C ASN B 44 18.30 2.93 15.88
N LEU B 45 19.46 3.26 15.30
CA LEU B 45 20.64 3.70 16.05
C LEU B 45 20.90 5.18 15.82
N VAL B 46 21.07 5.62 14.56
CA VAL B 46 21.14 7.04 14.26
C VAL B 46 20.44 7.30 12.93
N PHE B 47 19.61 8.34 12.90
CA PHE B 47 18.90 8.76 11.70
C PHE B 47 19.13 10.26 11.51
N LEU B 48 19.78 10.64 10.41
CA LEU B 48 20.18 12.02 10.15
C LEU B 48 19.53 12.52 8.87
N SER B 49 18.96 13.74 8.92
CA SER B 49 18.29 14.39 7.79
C SER B 49 18.95 15.75 7.53
N MET B 50 19.60 15.88 6.37
CA MET B 50 20.22 17.14 5.98
C MET B 50 19.15 18.13 5.55
N ASN B 51 19.22 19.39 6.02
CA ASN B 51 18.30 20.43 5.57
C ASN B 51 18.26 20.44 4.05
N GLY B 52 17.05 20.52 3.49
CA GLY B 52 16.91 20.62 2.05
C GLY B 52 16.88 19.32 1.28
N ALA B 53 16.99 18.16 1.94
CA ALA B 53 16.79 16.90 1.24
C ALA B 53 15.30 16.69 0.97
N PHE B 54 14.99 15.85 -0.03
CA PHE B 54 13.60 15.58 -0.40
C PHE B 54 12.80 15.08 0.80
N LEU B 55 11.54 15.51 0.91
CA LEU B 55 10.72 15.13 2.06
C LEU B 55 10.47 13.63 2.11
N HIS B 56 10.11 13.03 0.97
CA HIS B 56 9.84 11.59 0.91
C HIS B 56 11.07 10.77 1.25
N SER B 57 12.26 11.36 1.10
CA SER B 57 13.47 10.58 1.29
C SER B 57 13.71 10.24 2.74
N ALA B 58 13.02 10.91 3.69
CA ALA B 58 13.22 10.52 5.10
C ALA B 58 12.80 9.07 5.31
N ASP B 59 11.56 8.76 4.98
CA ASP B 59 11.10 7.40 5.17
C ASP B 59 11.82 6.43 4.23
N ILE B 60 12.24 6.90 3.02
CA ILE B 60 12.92 5.95 2.14
C ILE B 60 14.23 5.51 2.76
N ALA B 61 14.96 6.47 3.36
CA ALA B 61 16.23 6.08 3.96
C ALA B 61 16.01 5.07 5.08
N ARG B 62 14.99 5.32 5.93
CA ARG B 62 14.74 4.42 7.04
C ARG B 62 14.38 3.04 6.50
N ASP B 63 13.56 3.01 5.45
CA ASP B 63 13.10 1.72 4.95
C ASP B 63 14.23 0.99 4.25
N LYS B 64 15.14 1.74 3.62
CA LYS B 64 16.28 1.09 2.99
C LYS B 64 17.14 0.42 4.05
N ALA B 65 17.38 1.12 5.16
CA ALA B 65 18.20 0.54 6.21
C ALA B 65 17.52 -0.71 6.76
N TYR B 66 16.20 -0.62 6.95
CA TYR B 66 15.47 -1.72 7.53
C TYR B 66 15.50 -2.92 6.60
N THR B 67 15.32 -2.65 5.30
CA THR B 67 15.31 -3.75 4.34
C THR B 67 16.68 -4.41 4.30
N ALA B 68 17.75 -3.60 4.30
CA ALA B 68 19.07 -4.20 4.19
C ALA B 68 19.40 -4.97 5.46
N ALA B 69 18.95 -4.46 6.61
CA ALA B 69 19.25 -5.20 7.83
C ALA B 69 18.39 -6.45 7.92
N GLY B 70 17.17 -6.37 7.39
CA GLY B 70 16.24 -7.47 7.58
C GLY B 70 16.55 -8.66 6.71
N PHE B 71 17.16 -8.41 5.54
CA PHE B 71 17.46 -9.48 4.60
C PHE B 71 18.95 -9.75 4.46
N GLY B 72 19.81 -8.80 4.82
CA GLY B 72 21.24 -9.04 4.79
C GLY B 72 21.92 -8.85 3.46
N PHE B 73 21.28 -8.19 2.49
CA PHE B 73 21.91 -7.94 1.21
C PHE B 73 21.43 -6.59 0.68
N PRO B 74 22.17 -6.00 -0.28
CA PRO B 74 21.83 -4.65 -0.75
C PRO B 74 20.44 -4.55 -1.38
N THR B 75 19.75 -3.45 -1.10
CA THR B 75 18.38 -3.29 -1.63
C THR B 75 18.38 -3.26 -3.16
N GLY B 76 19.42 -2.72 -3.77
CA GLY B 76 19.49 -2.63 -5.22
C GLY B 76 19.53 -3.97 -5.93
N GLN B 77 19.84 -5.03 -5.22
CA GLN B 77 19.90 -6.37 -5.80
C GLN B 77 18.55 -7.06 -5.83
N TRP B 78 17.48 -6.44 -5.30
CA TRP B 78 16.24 -7.18 -5.16
C TRP B 78 15.69 -7.71 -6.49
N LEU B 79 15.65 -6.88 -7.53
CA LEU B 79 15.05 -7.37 -8.76
C LEU B 79 15.83 -8.56 -9.31
N GLN B 80 17.16 -8.54 -9.15
CA GLN B 80 17.95 -9.68 -9.60
C GLN B 80 17.57 -10.92 -8.81
N VAL B 81 17.37 -10.76 -7.51
CA VAL B 81 16.96 -11.88 -6.67
C VAL B 81 15.58 -12.38 -7.07
N LEU B 82 14.68 -11.47 -7.47
CA LEU B 82 13.34 -11.93 -7.83
C LEU B 82 13.31 -12.61 -9.19
N GLY B 83 14.18 -12.20 -10.12
CA GLY B 83 14.26 -12.87 -11.41
C GLY B 83 12.95 -12.81 -12.19
N ASP B 84 12.60 -13.95 -12.80
CA ASP B 84 11.44 -14.06 -13.69
C ASP B 84 10.18 -14.48 -12.97
N ASN B 85 10.26 -14.60 -11.64
CA ASN B 85 9.15 -15.11 -10.85
C ASN B 85 8.10 -14.01 -10.68
N GLU B 86 6.98 -14.13 -11.38
CA GLU B 86 6.00 -13.05 -11.34
C GLU B 86 5.29 -12.96 -10.00
N ARG B 87 5.13 -14.09 -9.31
CA ARG B 87 4.52 -14.07 -7.99
C ARG B 87 5.32 -13.19 -7.03
N LEU B 88 6.64 -13.34 -7.07
CA LEU B 88 7.50 -12.53 -6.20
C LEU B 88 7.62 -11.11 -6.71
N ARG B 89 7.67 -10.92 -8.04
CA ARG B 89 7.78 -9.58 -8.60
C ARG B 89 6.57 -8.73 -8.27
N ILE B 90 5.39 -9.35 -8.18
CA ILE B 90 4.22 -8.63 -7.72
C ILE B 90 4.22 -8.51 -6.20
N GLY B 91 4.51 -9.60 -5.50
CA GLY B 91 4.26 -9.63 -4.07
C GLY B 91 5.30 -8.97 -3.18
N ILE B 92 6.57 -9.17 -3.48
CA ILE B 92 7.62 -8.66 -2.59
C ILE B 92 7.66 -7.12 -2.58
N PRO B 93 7.65 -6.44 -3.74
CA PRO B 93 7.69 -4.96 -3.69
C PRO B 93 6.46 -4.34 -3.05
N ALA B 94 5.40 -5.09 -2.83
CA ALA B 94 4.19 -4.58 -2.19
C ALA B 94 4.25 -4.61 -0.66
N ARG B 95 5.29 -5.19 -0.07
CA ARG B 95 5.37 -5.28 1.38
C ARG B 95 5.72 -3.92 1.98
N GLU B 96 5.10 -3.62 3.12
CA GLU B 96 5.39 -2.37 3.81
C GLU B 96 6.86 -2.31 4.17
N ARG B 97 7.48 -1.14 3.97
CA ARG B 97 8.87 -0.84 4.31
C ARG B 97 9.88 -1.65 3.52
N LEU B 98 9.50 -2.32 2.45
CA LEU B 98 10.46 -3.09 1.66
C LEU B 98 10.84 -2.25 0.43
N VAL B 99 12.13 -1.93 0.28
CA VAL B 99 12.63 -1.08 -0.81
C VAL B 99 13.47 -1.93 -1.75
N VAL B 100 13.19 -1.82 -3.06
CA VAL B 100 13.87 -2.61 -4.08
C VAL B 100 14.75 -1.76 -4.99
N PHE B 101 14.94 -0.49 -4.67
CA PHE B 101 15.93 0.27 -5.43
C PHE B 101 17.14 0.56 -4.55
N GLY B 102 18.23 0.99 -5.18
CA GLY B 102 19.52 0.99 -4.51
C GLY B 102 19.65 2.09 -3.47
N GLY B 103 20.48 1.81 -2.46
CA GLY B 103 20.79 2.77 -1.43
C GLY B 103 20.82 2.20 -0.02
N GLY B 104 20.35 0.97 0.17
CA GLY B 104 20.45 0.27 1.45
C GLY B 104 21.51 -0.82 1.35
N LEU B 105 22.40 -0.86 2.35
CA LEU B 105 23.47 -1.85 2.41
C LEU B 105 23.44 -2.52 3.78
N PRO B 106 23.66 -3.83 3.84
CA PRO B 106 23.78 -4.47 5.16
C PRO B 106 25.11 -4.10 5.80
N VAL B 107 25.13 -4.11 7.13
CA VAL B 107 26.37 -3.96 7.88
C VAL B 107 26.83 -5.36 8.22
N LEU B 108 27.90 -5.82 7.57
CA LEU B 108 28.37 -7.19 7.70
C LEU B 108 29.65 -7.26 8.53
N LEU B 109 29.68 -8.19 9.47
CA LEU B 109 30.85 -8.44 10.30
C LEU B 109 31.05 -9.94 10.38
N ASP B 110 32.18 -10.43 9.87
CA ASP B 110 32.40 -11.90 9.84
C ASP B 110 31.30 -12.47 8.96
N ARG B 111 30.93 -11.76 7.90
CA ARG B 111 29.85 -12.20 6.97
C ARG B 111 28.52 -12.38 7.70
N GLN B 112 28.39 -11.78 8.88
CA GLN B 112 27.12 -11.85 9.63
C GLN B 112 26.54 -10.43 9.59
N CYS B 113 25.24 -10.34 9.29
CA CYS B 113 24.59 -9.04 9.24
C CYS B 113 24.23 -8.61 10.66
N ILE B 114 24.72 -7.45 11.06
CA ILE B 114 24.51 -6.91 12.40
C ILE B 114 23.78 -5.58 12.37
N GLY B 115 23.29 -5.15 11.21
CA GLY B 115 22.60 -3.88 11.11
C GLY B 115 22.47 -3.50 9.65
N GLY B 116 22.03 -2.26 9.42
CA GLY B 116 21.83 -1.79 8.06
C GLY B 116 22.01 -0.29 7.97
N ILE B 117 22.40 0.18 6.77
CA ILE B 117 22.51 1.61 6.50
C ILE B 117 21.73 1.91 5.23
N GLY B 118 20.99 3.00 5.24
CA GLY B 118 20.20 3.41 4.09
C GLY B 118 20.33 4.89 3.82
N VAL B 119 20.48 5.24 2.55
CA VAL B 119 20.62 6.63 2.13
C VAL B 119 19.59 6.94 1.05
N SER B 120 18.96 8.11 1.15
CA SER B 120 18.05 8.56 0.10
C SER B 120 18.20 10.06 -0.11
N GLY B 121 18.04 10.50 -1.37
CA GLY B 121 18.12 11.90 -1.67
C GLY B 121 18.91 12.24 -2.94
N GLY B 122 19.74 11.30 -3.38
CA GLY B 122 20.47 11.42 -4.63
C GLY B 122 20.03 10.37 -5.63
N SER B 123 20.89 10.13 -6.63
CA SER B 123 20.70 8.97 -7.49
C SER B 123 20.98 7.70 -6.68
N GLU B 124 20.56 6.56 -7.24
CA GLU B 124 20.85 5.28 -6.58
C GLU B 124 22.34 5.12 -6.37
N GLU B 125 23.12 5.50 -7.37
CA GLU B 125 24.59 5.35 -7.28
C GLU B 125 25.12 6.32 -6.19
N GLN B 126 24.61 7.54 -6.14
CA GLN B 126 25.07 8.46 -5.10
C GLN B 126 24.66 7.94 -3.73
N ASP B 127 23.46 7.40 -3.61
CA ASP B 127 22.99 6.85 -2.33
C ASP B 127 23.90 5.73 -1.87
N GLU B 128 24.21 4.80 -2.76
CA GLU B 128 25.07 3.68 -2.37
C GLU B 128 26.46 4.17 -2.00
N ALA B 129 27.00 5.16 -2.73
CA ALA B 129 28.32 5.70 -2.42
C ALA B 129 28.35 6.34 -1.03
N CYS B 130 27.31 7.11 -0.69
CA CYS B 130 27.25 7.68 0.66
C CYS B 130 27.13 6.57 1.71
N ALA B 131 26.33 5.54 1.42
CA ALA B 131 26.20 4.42 2.36
C ALA B 131 27.54 3.70 2.55
N GLU B 132 28.27 3.47 1.46
CA GLU B 132 29.61 2.86 1.53
C GLU B 132 30.57 3.73 2.33
N ALA B 133 30.54 5.05 2.13
CA ALA B 133 31.38 5.93 2.95
C ALA B 133 31.07 5.73 4.43
N GLY B 134 29.79 5.62 4.77
CA GLY B 134 29.41 5.33 6.15
C GLY B 134 29.97 4.01 6.66
N LEU B 135 29.88 2.96 5.84
CA LEU B 135 30.41 1.66 6.26
C LEU B 135 31.91 1.75 6.52
N ARG B 136 32.65 2.38 5.61
CA ARG B 136 34.09 2.54 5.80
C ARG B 136 34.42 3.30 7.07
N ALA B 137 33.64 4.34 7.39
CA ALA B 137 33.90 5.08 8.63
C ALA B 137 33.57 4.27 9.87
N MET B 138 32.65 3.29 9.78
CA MET B 138 32.42 2.46 10.96
C MET B 138 33.72 1.74 11.36
N LEU B 139 34.39 1.14 10.39
CA LEU B 139 35.68 0.47 10.65
C LEU B 139 36.77 1.44 11.12
N ILE C 3 -25.58 30.60 1.78
CA ILE C 3 -24.58 29.73 2.42
C ILE C 3 -24.75 28.23 2.23
N SER C 4 -25.81 27.74 1.58
CA SER C 4 -26.11 26.31 1.59
C SER C 4 -26.58 25.87 0.21
N THR C 5 -26.60 24.55 0.01
CA THR C 5 -27.12 23.93 -1.20
C THR C 5 -27.96 22.71 -0.83
N LEU C 6 -28.79 22.29 -1.77
CA LEU C 6 -29.71 21.18 -1.49
C LEU C 6 -29.19 19.96 -2.23
N GLU C 7 -29.01 18.87 -1.50
CA GLU C 7 -28.43 17.69 -2.14
C GLU C 7 -29.35 16.49 -1.95
N THR C 8 -29.41 15.65 -2.97
CA THR C 8 -30.17 14.41 -2.84
C THR C 8 -29.25 13.39 -2.22
N ASN C 9 -29.76 12.66 -1.25
CA ASN C 9 -28.98 11.59 -0.59
C ASN C 9 -29.77 10.30 -0.46
N LEU C 10 -29.09 9.17 -0.64
CA LEU C 10 -29.69 7.86 -0.46
C LEU C 10 -30.07 7.63 1.01
N ILE C 11 -31.23 6.96 1.25
CA ILE C 11 -31.73 6.74 2.61
C ILE C 11 -31.50 5.30 3.06
N TRP C 12 -31.38 5.13 4.37
CA TRP C 12 -31.00 3.82 4.94
C TRP C 12 -32.07 2.75 4.66
N GLN C 13 -33.35 3.13 4.58
CA GLN C 13 -34.38 2.14 4.27
C GLN C 13 -34.16 1.52 2.89
N ALA C 14 -33.75 2.33 1.91
CA ALA C 14 -33.48 1.82 0.57
C ALA C 14 -32.23 0.95 0.56
N ALA C 15 -31.21 1.34 1.30
CA ALA C 15 -30.01 0.52 1.44
C ALA C 15 -30.36 -0.85 2.02
N LEU C 16 -31.26 -0.87 3.01
CA LEU C 16 -31.66 -2.13 3.62
C LEU C 16 -32.38 -3.03 2.61
N ARG C 17 -33.30 -2.45 1.82
CA ARG C 17 -33.90 -3.22 0.74
C ARG C 17 -32.84 -3.79 -0.19
N ALA C 18 -31.83 -2.98 -0.50
CA ALA C 18 -30.78 -3.40 -1.43
C ALA C 18 -29.98 -4.58 -0.89
N VAL C 19 -29.59 -4.53 0.39
CA VAL C 19 -28.77 -5.64 0.89
C VAL C 19 -29.59 -6.91 0.99
N GLN C 20 -30.90 -6.78 1.29
CA GLN C 20 -31.76 -7.95 1.30
C GLN C 20 -31.81 -8.62 -0.08
N ALA C 21 -32.01 -7.81 -1.14
CA ALA C 21 -32.10 -8.36 -2.49
C ALA C 21 -30.76 -8.89 -2.98
N ALA C 22 -29.66 -8.21 -2.66
CA ALA C 22 -28.36 -8.69 -3.12
C ALA C 22 -28.02 -10.02 -2.46
N SER C 23 -28.27 -10.15 -1.15
CA SER C 23 -27.99 -11.41 -0.47
C SER C 23 -28.92 -12.52 -0.96
N ASP C 24 -30.21 -12.20 -1.23
CA ASP C 24 -31.12 -13.21 -1.77
C ASP C 24 -30.64 -13.70 -3.14
N HIS C 25 -30.13 -12.78 -3.97
CA HIS C 25 -29.57 -13.19 -5.25
C HIS C 25 -28.35 -14.08 -5.07
N ALA C 26 -27.46 -13.72 -4.14
CA ALA C 26 -26.30 -14.55 -3.86
C ALA C 26 -26.73 -15.96 -3.43
N SER C 27 -27.73 -16.05 -2.56
CA SER C 27 -28.23 -17.36 -2.15
C SER C 27 -28.72 -18.15 -3.36
N ALA C 28 -29.46 -17.48 -4.26
CA ALA C 28 -29.94 -18.16 -5.45
C ALA C 28 -28.80 -18.64 -6.33
N LEU C 29 -27.68 -17.92 -6.34
CA LEU C 29 -26.49 -18.31 -7.10
C LEU C 29 -25.64 -19.35 -6.39
N GLY C 30 -25.93 -19.65 -5.11
CA GLY C 30 -25.13 -20.58 -4.34
C GLY C 30 -23.79 -20.03 -3.85
N ILE C 31 -23.63 -18.70 -3.74
CA ILE C 31 -22.40 -18.07 -3.31
C ILE C 31 -22.61 -17.33 -1.99
N ARG C 32 -21.50 -16.89 -1.38
CA ARG C 32 -21.57 -16.13 -0.13
C ARG C 32 -20.87 -14.80 -0.39
N ILE C 33 -21.54 -13.71 -0.04
CA ILE C 33 -21.01 -12.38 -0.41
C ILE C 33 -21.06 -11.36 0.71
N HIS C 34 -20.23 -10.34 0.58
CA HIS C 34 -20.39 -9.12 1.34
C HIS C 34 -21.03 -8.08 0.41
N VAL C 35 -21.94 -7.28 0.94
CA VAL C 35 -22.54 -6.19 0.17
C VAL C 35 -22.58 -4.93 1.03
N ALA C 36 -22.01 -3.84 0.51
CA ALA C 36 -21.96 -2.56 1.19
C ALA C 36 -22.73 -1.52 0.40
N VAL C 37 -23.54 -0.72 1.09
CA VAL C 37 -24.24 0.40 0.47
C VAL C 37 -23.83 1.64 1.23
N VAL C 38 -23.41 2.68 0.51
CA VAL C 38 -22.94 3.92 1.12
C VAL C 38 -23.74 5.07 0.52
N ASP C 39 -23.75 6.19 1.26
CA ASP C 39 -24.46 7.39 0.85
C ASP C 39 -23.57 8.26 -0.05
N ARG C 40 -24.04 9.48 -0.37
CA ARG C 40 -23.34 10.36 -1.35
C ARG C 40 -21.95 10.76 -0.85
N ALA C 41 -21.79 10.79 0.46
CA ALA C 41 -20.49 11.13 1.02
C ALA C 41 -19.61 9.91 1.25
N GLY C 42 -20.04 8.74 0.77
CA GLY C 42 -19.26 7.53 0.96
C GLY C 42 -19.37 6.92 2.34
N LEU C 43 -20.31 7.38 3.15
CA LEU C 43 -20.48 6.88 4.51
C LEU C 43 -21.42 5.69 4.50
N ASN C 44 -21.18 4.75 5.43
CA ASN C 44 -22.00 3.54 5.50
C ASN C 44 -23.48 3.88 5.61
N LEU C 45 -24.32 3.13 4.88
CA LEU C 45 -25.74 3.02 5.19
C LEU C 45 -26.09 1.63 5.70
N VAL C 46 -25.81 0.58 4.91
CA VAL C 46 -25.92 -0.79 5.39
C VAL C 46 -24.78 -1.62 4.80
N PHE C 47 -24.15 -2.42 5.64
CA PHE C 47 -23.05 -3.29 5.26
C PHE C 47 -23.36 -4.69 5.79
N LEU C 48 -23.54 -5.65 4.89
CA LEU C 48 -23.96 -7.00 5.27
C LEU C 48 -22.91 -8.00 4.82
N SER C 49 -22.55 -8.93 5.72
CA SER C 49 -21.57 -9.99 5.45
C SER C 49 -22.23 -11.34 5.69
N MET C 50 -22.39 -12.14 4.63
CA MET C 50 -22.93 -13.50 4.78
C MET C 50 -21.86 -14.42 5.38
N ASN C 51 -22.26 -15.25 6.35
CA ASN C 51 -21.36 -16.26 6.92
C ASN C 51 -20.72 -17.07 5.81
N GLY C 52 -19.41 -17.29 5.91
CA GLY C 52 -18.73 -18.11 4.94
C GLY C 52 -18.22 -17.37 3.71
N ALA C 53 -18.46 -16.07 3.61
CA ALA C 53 -17.86 -15.30 2.51
C ALA C 53 -16.36 -15.09 2.79
N PHE C 54 -15.60 -14.87 1.72
CA PHE C 54 -14.16 -14.66 1.86
C PHE C 54 -13.86 -13.52 2.83
N LEU C 55 -12.81 -13.69 3.65
CA LEU C 55 -12.49 -12.69 4.67
C LEU C 55 -12.11 -11.34 4.04
N HIS C 56 -11.25 -11.38 3.02
CA HIS C 56 -10.82 -10.17 2.34
C HIS C 56 -11.97 -9.47 1.63
N SER C 57 -13.05 -10.19 1.33
CA SER C 57 -14.11 -9.57 0.55
C SER C 57 -14.87 -8.53 1.36
N ALA C 58 -14.73 -8.53 2.70
CA ALA C 58 -15.43 -7.51 3.47
C ALA C 58 -15.01 -6.12 3.03
N ASP C 59 -13.71 -5.83 3.15
CA ASP C 59 -13.20 -4.53 2.77
C ASP C 59 -13.32 -4.30 1.27
N ILE C 60 -13.26 -5.37 0.45
CA ILE C 60 -13.40 -5.13 -0.99
C ILE C 60 -14.79 -4.57 -1.28
N ALA C 61 -15.81 -5.15 -0.63
CA ALA C 61 -17.16 -4.67 -0.88
C ALA C 61 -17.29 -3.22 -0.47
N ARG C 62 -16.77 -2.87 0.71
CA ARG C 62 -16.88 -1.50 1.18
C ARG C 62 -16.17 -0.57 0.20
N ASP C 63 -14.98 -0.99 -0.26
CA ASP C 63 -14.23 -0.10 -1.12
C ASP C 63 -14.90 0.03 -2.48
N LYS C 64 -15.56 -1.04 -2.94
CA LYS C 64 -16.27 -0.94 -4.21
C LYS C 64 -17.38 0.09 -4.11
N ALA C 65 -18.14 0.03 -3.02
CA ALA C 65 -19.24 0.97 -2.87
C ALA C 65 -18.70 2.38 -2.82
N TYR C 66 -17.59 2.55 -2.08
CA TYR C 66 -17.01 3.88 -1.91
C TYR C 66 -16.50 4.39 -3.24
N THR C 67 -15.87 3.51 -4.03
CA THR C 67 -15.34 3.95 -5.31
C THR C 67 -16.47 4.37 -6.21
N ALA C 68 -17.53 3.56 -6.24
CA ALA C 68 -18.62 3.86 -7.15
C ALA C 68 -19.34 5.12 -6.71
N ALA C 69 -19.46 5.32 -5.38
CA ALA C 69 -20.14 6.53 -4.94
C ALA C 69 -19.26 7.73 -5.17
N GLY C 70 -17.95 7.55 -5.06
CA GLY C 70 -17.04 8.68 -5.11
C GLY C 70 -16.83 9.21 -6.51
N PHE C 71 -16.98 8.35 -7.53
CA PHE C 71 -16.76 8.74 -8.91
C PHE C 71 -18.01 8.73 -9.77
N GLY C 72 -19.06 7.99 -9.37
CA GLY C 72 -20.30 7.99 -10.10
C GLY C 72 -20.37 7.09 -11.31
N PHE C 73 -19.49 6.11 -11.43
CA PHE C 73 -19.54 5.16 -12.53
C PHE C 73 -19.07 3.80 -12.03
N PRO C 74 -19.42 2.71 -12.73
CA PRO C 74 -19.09 1.37 -12.23
C PRO C 74 -17.59 1.14 -12.12
N THR C 75 -17.19 0.43 -11.06
CA THR C 75 -15.77 0.18 -10.83
C THR C 75 -15.15 -0.63 -11.97
N GLY C 76 -15.92 -1.53 -12.57
CA GLY C 76 -15.39 -2.34 -13.65
C GLY C 76 -14.97 -1.55 -14.87
N GLN C 77 -15.39 -0.29 -14.98
CA GLN C 77 -15.05 0.57 -16.13
C GLN C 77 -13.70 1.30 -15.99
N TRP C 78 -13.05 1.21 -14.84
CA TRP C 78 -11.83 2.05 -14.64
C TRP C 78 -10.74 1.86 -15.71
N LEU C 79 -10.40 0.63 -16.07
CA LEU C 79 -9.26 0.43 -17.00
C LEU C 79 -9.69 1.01 -18.37
N GLN C 80 -11.00 1.00 -18.64
CA GLN C 80 -11.51 1.57 -19.91
C GLN C 80 -11.32 3.09 -19.88
N VAL C 81 -11.52 3.70 -18.71
CA VAL C 81 -11.36 5.16 -18.54
C VAL C 81 -9.87 5.54 -18.55
N LEU C 82 -9.04 4.67 -18.02
CA LEU C 82 -7.59 5.00 -17.94
C LEU C 82 -6.98 4.91 -19.34
N GLY C 83 -7.47 3.99 -20.17
CA GLY C 83 -6.94 3.90 -21.52
C GLY C 83 -5.46 3.61 -21.51
N ASP C 84 -4.73 4.29 -22.39
CA ASP C 84 -3.31 4.09 -22.61
C ASP C 84 -2.44 5.05 -21.81
N ASN C 85 -3.02 5.79 -20.86
CA ASN C 85 -2.27 6.77 -20.06
C ASN C 85 -1.50 6.04 -18.97
N GLU C 86 -0.17 5.92 -19.15
CA GLU C 86 0.60 5.12 -18.19
C GLU C 86 0.71 5.80 -16.82
N ARG C 87 0.72 7.13 -16.77
CA ARG C 87 0.72 7.83 -15.49
C ARG C 87 -0.53 7.48 -14.69
N LEU C 88 -1.70 7.46 -15.33
CA LEU C 88 -2.92 7.13 -14.62
C LEU C 88 -2.99 5.64 -14.30
N ARG C 89 -2.52 4.79 -15.22
CA ARG C 89 -2.54 3.35 -14.96
C ARG C 89 -1.67 2.98 -13.77
N ILE C 90 -0.58 3.70 -13.54
CA ILE C 90 0.25 3.46 -12.36
C ILE C 90 -0.37 4.08 -11.12
N GLY C 91 -0.80 5.34 -11.22
CA GLY C 91 -1.20 6.08 -10.04
C GLY C 91 -2.59 5.81 -9.49
N ILE C 92 -3.57 5.64 -10.36
CA ILE C 92 -4.96 5.51 -9.91
C ILE C 92 -5.21 4.20 -9.15
N PRO C 93 -4.78 3.03 -9.65
CA PRO C 93 -4.97 1.79 -8.88
C PRO C 93 -4.20 1.73 -7.58
N ALA C 94 -3.24 2.63 -7.35
CA ALA C 94 -2.50 2.67 -6.10
C ALA C 94 -3.19 3.46 -5.00
N ARG C 95 -4.30 4.14 -5.30
CA ARG C 95 -4.97 4.94 -4.28
C ARG C 95 -5.68 4.05 -3.26
N GLU C 96 -5.61 4.46 -1.99
CA GLU C 96 -6.32 3.73 -0.96
C GLU C 96 -7.82 3.69 -1.24
N ARG C 97 -8.44 2.53 -1.02
CA ARG C 97 -9.87 2.28 -1.15
C ARG C 97 -10.39 2.43 -2.57
N LEU C 98 -9.53 2.46 -3.57
CA LEU C 98 -9.99 2.59 -4.96
C LEU C 98 -9.93 1.21 -5.63
N VAL C 99 -11.07 0.72 -6.10
CA VAL C 99 -11.17 -0.62 -6.69
C VAL C 99 -11.41 -0.47 -8.18
N VAL C 100 -10.62 -1.18 -9.00
CA VAL C 100 -10.75 -1.10 -10.45
C VAL C 100 -11.29 -2.39 -11.07
N PHE C 101 -11.75 -3.35 -10.25
CA PHE C 101 -12.43 -4.50 -10.82
C PHE C 101 -13.92 -4.44 -10.52
N GLY C 102 -14.68 -5.28 -11.23
CA GLY C 102 -16.12 -5.11 -11.28
C GLY C 102 -16.81 -5.51 -9.99
N GLY C 103 -17.96 -4.86 -9.74
CA GLY C 103 -18.73 -5.19 -8.56
C GLY C 103 -19.25 -4.00 -7.78
N GLY C 104 -18.77 -2.79 -8.09
CA GLY C 104 -19.29 -1.56 -7.52
C GLY C 104 -20.09 -0.79 -8.55
N LEU C 105 -21.29 -0.34 -8.16
CA LEU C 105 -22.19 0.41 -9.01
C LEU C 105 -22.65 1.70 -8.33
N PRO C 106 -22.71 2.81 -9.06
CA PRO C 106 -23.27 4.03 -8.48
C PRO C 106 -24.78 3.90 -8.34
N VAL C 107 -25.33 4.62 -7.37
CA VAL C 107 -26.78 4.76 -7.24
C VAL C 107 -27.16 6.09 -7.88
N LEU C 108 -27.80 6.04 -9.05
CA LEU C 108 -28.12 7.23 -9.83
C LEU C 108 -29.61 7.54 -9.75
N LEU C 109 -29.93 8.80 -9.49
CA LEU C 109 -31.31 9.25 -9.45
C LEU C 109 -31.38 10.58 -10.18
N ASP C 110 -32.11 10.62 -11.29
CA ASP C 110 -32.28 11.84 -12.08
C ASP C 110 -30.93 12.44 -12.48
N ARG C 111 -30.07 11.57 -13.04
CA ARG C 111 -28.75 11.92 -13.57
C ARG C 111 -27.76 12.31 -12.48
N GLN C 112 -27.95 11.83 -11.27
CA GLN C 112 -27.20 12.36 -10.14
C GLN C 112 -26.83 11.19 -9.23
N CYS C 113 -25.57 11.12 -8.83
CA CYS C 113 -25.10 10.05 -7.98
C CYS C 113 -25.41 10.40 -6.52
N ILE C 114 -26.14 9.52 -5.85
CA ILE C 114 -26.56 9.73 -4.47
C ILE C 114 -26.02 8.67 -3.53
N GLY C 115 -25.16 7.79 -4.02
CA GLY C 115 -24.63 6.72 -3.19
C GLY C 115 -23.99 5.66 -4.05
N GLY C 116 -23.67 4.54 -3.42
CA GLY C 116 -23.01 3.45 -4.13
C GLY C 116 -23.30 2.11 -3.49
N ILE C 117 -23.23 1.05 -4.31
CA ILE C 117 -23.38 -0.31 -3.83
C ILE C 117 -22.19 -1.13 -4.33
N GLY C 118 -21.64 -1.96 -3.45
CA GLY C 118 -20.50 -2.79 -3.81
C GLY C 118 -20.68 -4.20 -3.33
N VAL C 119 -20.34 -5.20 -4.14
CA VAL C 119 -20.48 -6.61 -3.78
C VAL C 119 -19.16 -7.31 -4.00
N SER C 120 -18.77 -8.17 -3.06
CA SER C 120 -17.57 -8.96 -3.26
C SER C 120 -17.78 -10.36 -2.70
N GLY C 121 -17.18 -11.36 -3.33
CA GLY C 121 -17.28 -12.72 -2.84
C GLY C 121 -17.49 -13.76 -3.92
N GLY C 122 -17.96 -13.33 -5.09
CA GLY C 122 -18.11 -14.21 -6.24
C GLY C 122 -17.21 -13.79 -7.37
N SER C 123 -17.52 -14.22 -8.60
CA SER C 123 -16.86 -13.63 -9.76
C SER C 123 -17.30 -12.18 -9.93
N GLU C 124 -16.55 -11.42 -10.75
CA GLU C 124 -16.93 -10.04 -11.02
C GLU C 124 -18.34 -9.98 -11.57
N GLU C 125 -18.65 -10.93 -12.45
CA GLU C 125 -19.96 -10.98 -13.08
C GLU C 125 -21.05 -11.31 -12.08
N GLN C 126 -20.79 -12.25 -11.15
CA GLN C 126 -21.76 -12.52 -10.10
C GLN C 126 -21.91 -11.34 -9.16
N ASP C 127 -20.79 -10.68 -8.81
CA ASP C 127 -20.85 -9.51 -7.94
C ASP C 127 -21.73 -8.43 -8.55
N GLU C 128 -21.51 -8.15 -9.85
CA GLU C 128 -22.31 -7.13 -10.50
C GLU C 128 -23.78 -7.52 -10.55
N ALA C 129 -24.07 -8.80 -10.81
CA ALA C 129 -25.47 -9.23 -10.82
C ALA C 129 -26.13 -9.02 -9.47
N CYS C 130 -25.42 -9.33 -8.37
CA CYS C 130 -25.98 -9.10 -7.04
C CYS C 130 -26.18 -7.61 -6.77
N ALA C 131 -25.22 -6.78 -7.17
CA ALA C 131 -25.36 -5.33 -7.00
C ALA C 131 -26.56 -4.79 -7.79
N GLU C 132 -26.75 -5.24 -9.04
CA GLU C 132 -27.92 -4.84 -9.83
C GLU C 132 -29.23 -5.26 -9.16
N ALA C 133 -29.28 -6.49 -8.61
CA ALA C 133 -30.47 -6.87 -7.86
C ALA C 133 -30.73 -5.89 -6.71
N GLY C 134 -29.66 -5.49 -6.01
CA GLY C 134 -29.82 -4.53 -4.93
C GLY C 134 -30.40 -3.21 -5.41
N LEU C 135 -29.84 -2.69 -6.51
CA LEU C 135 -30.33 -1.42 -7.10
C LEU C 135 -31.84 -1.53 -7.45
N ARG C 136 -32.21 -2.59 -8.15
CA ARG C 136 -33.63 -2.76 -8.56
C ARG C 136 -34.53 -2.78 -7.32
N ALA C 137 -34.08 -3.39 -6.22
CA ALA C 137 -34.88 -3.48 -5.00
C ALA C 137 -35.02 -2.12 -4.36
N MET C 138 -34.05 -1.22 -4.59
CA MET C 138 -34.20 0.14 -4.07
C MET C 138 -35.47 0.79 -4.62
N LEU C 139 -35.68 0.69 -5.92
CA LEU C 139 -36.89 1.20 -6.59
C LEU C 139 -38.19 0.49 -6.21
N MET D 1 28.53 29.65 17.79
CA MET D 1 28.64 28.80 16.61
C MET D 1 27.40 29.00 15.74
N ILE D 2 27.48 28.69 14.44
CA ILE D 2 26.26 28.77 13.58
C ILE D 2 25.32 27.59 13.89
N ILE D 3 24.07 27.85 14.27
CA ILE D 3 23.09 26.80 14.50
C ILE D 3 21.88 26.95 13.58
N SER D 4 21.87 27.96 12.72
CA SER D 4 20.66 28.26 11.99
C SER D 4 20.95 28.61 10.53
N THR D 5 19.90 28.49 9.72
CA THR D 5 19.90 28.88 8.32
C THR D 5 18.59 29.60 8.06
N LEU D 6 18.60 30.51 7.10
CA LEU D 6 17.40 31.26 6.73
C LEU D 6 16.73 30.59 5.53
N GLU D 7 15.42 30.38 5.63
CA GLU D 7 14.63 29.73 4.59
C GLU D 7 13.53 30.65 4.11
N THR D 8 13.27 30.61 2.81
CA THR D 8 12.11 31.24 2.23
C THR D 8 10.93 30.27 2.31
N ASN D 9 9.77 30.76 2.76
CA ASN D 9 8.59 29.92 2.89
C ASN D 9 7.38 30.63 2.32
N LEU D 10 6.51 29.87 1.66
CA LEU D 10 5.26 30.42 1.14
C LEU D 10 4.37 30.84 2.30
N ILE D 11 3.63 31.95 2.11
CA ILE D 11 2.78 32.48 3.18
C ILE D 11 1.32 32.16 2.89
N TRP D 12 0.53 32.07 3.97
CA TRP D 12 -0.85 31.60 3.85
C TRP D 12 -1.72 32.54 3.02
N GLN D 13 -1.42 33.84 2.99
CA GLN D 13 -2.21 34.77 2.18
C GLN D 13 -2.08 34.46 0.69
N ALA D 14 -0.87 34.10 0.26
CA ALA D 14 -0.67 33.76 -1.15
C ALA D 14 -1.36 32.45 -1.49
N ALA D 15 -1.30 31.48 -0.57
CA ALA D 15 -2.02 30.22 -0.78
C ALA D 15 -3.51 30.48 -0.90
N LEU D 16 -4.04 31.41 -0.11
CA LEU D 16 -5.48 31.70 -0.16
C LEU D 16 -5.85 32.28 -1.51
N ARG D 17 -5.04 33.25 -1.99
CA ARG D 17 -5.24 33.74 -3.34
C ARG D 17 -5.19 32.60 -4.36
N ALA D 18 -4.28 31.64 -4.15
CA ALA D 18 -4.11 30.54 -5.10
C ALA D 18 -5.35 29.67 -5.16
N VAL D 19 -5.91 29.30 -4.01
CA VAL D 19 -7.07 28.42 -4.03
C VAL D 19 -8.27 29.16 -4.58
N GLN D 20 -8.36 30.47 -4.35
CA GLN D 20 -9.43 31.26 -4.96
C GLN D 20 -9.33 31.22 -6.50
N ALA D 21 -8.12 31.43 -7.02
CA ALA D 21 -7.95 31.44 -8.47
C ALA D 21 -8.16 30.06 -9.09
N ALA D 22 -7.68 29.01 -8.41
CA ALA D 22 -7.87 27.65 -8.93
C ALA D 22 -9.33 27.26 -8.95
N SER D 23 -10.07 27.57 -7.88
CA SER D 23 -11.49 27.24 -7.87
C SER D 23 -12.26 28.07 -8.89
N ASP D 24 -11.90 29.34 -9.08
CA ASP D 24 -12.56 30.13 -10.11
C ASP D 24 -12.30 29.54 -11.49
N HIS D 25 -11.08 29.06 -11.73
CA HIS D 25 -10.80 28.39 -13.00
C HIS D 25 -11.62 27.12 -13.17
N ALA D 26 -11.75 26.33 -12.11
CA ALA D 26 -12.60 25.14 -12.16
C ALA D 26 -14.04 25.52 -12.50
N SER D 27 -14.56 26.56 -11.86
CA SER D 27 -15.92 27.02 -12.14
C SER D 27 -16.08 27.41 -13.61
N ALA D 28 -15.08 28.11 -14.16
CA ALA D 28 -15.13 28.49 -15.57
C ALA D 28 -15.11 27.26 -16.49
N LEU D 29 -14.43 26.20 -16.07
CA LEU D 29 -14.40 24.96 -16.84
C LEU D 29 -15.65 24.09 -16.64
N GLY D 30 -16.50 24.42 -15.66
CA GLY D 30 -17.64 23.57 -15.36
C GLY D 30 -17.33 22.32 -14.56
N ILE D 31 -16.22 22.30 -13.82
CA ILE D 31 -15.82 21.12 -13.06
C ILE D 31 -15.70 21.48 -11.59
N ARG D 32 -15.56 20.43 -10.75
CA ARG D 32 -15.44 20.58 -9.31
C ARG D 32 -14.13 19.93 -8.86
N ILE D 33 -13.30 20.69 -8.15
CA ILE D 33 -11.96 20.22 -7.80
C ILE D 33 -11.71 20.34 -6.30
N HIS D 34 -10.67 19.62 -5.86
CA HIS D 34 -9.95 19.91 -4.64
C HIS D 34 -8.63 20.54 -5.02
N VAL D 35 -8.19 21.55 -4.26
CA VAL D 35 -6.90 22.19 -4.47
C VAL D 35 -6.23 22.35 -3.11
N ALA D 36 -4.99 21.86 -3.01
CA ALA D 36 -4.20 21.91 -1.80
C ALA D 36 -2.97 22.75 -2.05
N VAL D 37 -2.62 23.61 -1.12
CA VAL D 37 -1.38 24.37 -1.17
C VAL D 37 -0.64 24.09 0.13
N VAL D 38 0.63 23.71 0.02
CA VAL D 38 1.44 23.37 1.18
C VAL D 38 2.68 24.24 1.15
N ASP D 39 3.31 24.37 2.33
CA ASP D 39 4.52 25.17 2.48
C ASP D 39 5.74 24.33 2.17
N ARG D 40 6.93 24.88 2.43
CA ARG D 40 8.16 24.24 2.01
C ARG D 40 8.45 22.94 2.75
N ALA D 41 7.86 22.75 3.92
CA ALA D 41 7.96 21.50 4.67
C ALA D 41 6.81 20.55 4.38
N GLY D 42 5.98 20.86 3.39
CA GLY D 42 4.87 19.99 3.05
C GLY D 42 3.68 20.13 3.97
N LEU D 43 3.64 21.14 4.81
CA LEU D 43 2.54 21.33 5.76
C LEU D 43 1.43 22.15 5.12
N ASN D 44 0.18 21.88 5.50
CA ASN D 44 -0.94 22.61 4.89
C ASN D 44 -0.77 24.11 5.06
N LEU D 45 -1.10 24.87 4.01
CA LEU D 45 -1.40 26.29 4.14
C LEU D 45 -2.88 26.54 3.88
N VAL D 46 -3.40 26.14 2.71
CA VAL D 46 -4.85 26.18 2.46
C VAL D 46 -5.23 24.96 1.66
N PHE D 47 -6.32 24.29 2.08
CA PHE D 47 -6.84 23.12 1.40
C PHE D 47 -8.34 23.33 1.17
N LEU D 48 -8.75 23.40 -0.09
CA LEU D 48 -10.12 23.73 -0.45
C LEU D 48 -10.73 22.58 -1.23
N SER D 49 -11.96 22.20 -0.84
CA SER D 49 -12.71 21.12 -1.47
C SER D 49 -14.03 21.69 -1.96
N MET D 50 -14.21 21.71 -3.28
CA MET D 50 -15.45 22.19 -3.89
C MET D 50 -16.53 21.12 -3.72
N ASN D 51 -17.73 21.54 -3.34
CA ASN D 51 -18.85 20.60 -3.25
C ASN D 51 -19.01 19.81 -4.52
N GLY D 52 -19.19 18.49 -4.37
CA GLY D 52 -19.44 17.65 -5.53
C GLY D 52 -18.21 17.15 -6.26
N ALA D 53 -17.01 17.49 -5.81
CA ALA D 53 -15.80 16.90 -6.39
C ALA D 53 -15.65 15.46 -5.94
N PHE D 54 -14.92 14.66 -6.72
CA PHE D 54 -14.77 13.24 -6.41
C PHE D 54 -14.18 13.05 -5.00
N LEU D 55 -14.68 12.05 -4.28
CA LEU D 55 -14.24 11.84 -2.89
C LEU D 55 -12.75 11.52 -2.80
N HIS D 56 -12.27 10.62 -3.66
CA HIS D 56 -10.85 10.27 -3.69
C HIS D 56 -9.95 11.43 -4.07
N SER D 57 -10.49 12.45 -4.73
CA SER D 57 -9.63 13.53 -5.19
C SER D 57 -9.14 14.39 -4.04
N ALA D 58 -9.78 14.31 -2.87
CA ALA D 58 -9.28 15.10 -1.74
C ALA D 58 -7.84 14.73 -1.42
N ASP D 59 -7.60 13.46 -1.08
CA ASP D 59 -6.24 13.05 -0.76
C ASP D 59 -5.32 13.17 -1.97
N ILE D 60 -5.86 12.99 -3.19
CA ILE D 60 -4.95 13.11 -4.33
C ILE D 60 -4.40 14.53 -4.42
N ALA D 61 -5.24 15.53 -4.20
CA ALA D 61 -4.76 16.92 -4.31
C ALA D 61 -3.65 17.15 -3.29
N ARG D 62 -3.92 16.72 -2.05
CA ARG D 62 -2.94 16.91 -0.97
C ARG D 62 -1.63 16.21 -1.35
N ASP D 63 -1.73 14.99 -1.82
CA ASP D 63 -0.53 14.21 -2.21
C ASP D 63 0.20 14.93 -3.36
N LYS D 64 -0.55 15.52 -4.29
CA LYS D 64 0.12 16.20 -5.39
C LYS D 64 0.90 17.38 -4.85
N ALA D 65 0.28 18.17 -3.97
CA ALA D 65 0.99 19.33 -3.43
C ALA D 65 2.22 18.86 -2.69
N TYR D 66 2.06 17.79 -1.90
CA TYR D 66 3.16 17.33 -1.07
C TYR D 66 4.30 16.83 -1.94
N THR D 67 3.96 16.09 -3.00
CA THR D 67 5.00 15.56 -3.86
C THR D 67 5.73 16.71 -4.55
N ALA D 68 4.97 17.71 -5.02
CA ALA D 68 5.60 18.78 -5.77
C ALA D 68 6.48 19.61 -4.85
N ALA D 69 6.04 19.79 -3.59
CA ALA D 69 6.87 20.56 -2.67
C ALA D 69 8.06 19.74 -2.22
N GLY D 70 7.90 18.42 -2.11
CA GLY D 70 8.93 17.60 -1.51
C GLY D 70 10.09 17.35 -2.45
N PHE D 71 9.84 17.39 -3.76
CA PHE D 71 10.87 17.14 -4.76
C PHE D 71 11.22 18.37 -5.58
N GLY D 72 10.34 19.35 -5.65
CA GLY D 72 10.63 20.58 -6.36
C GLY D 72 10.43 20.55 -7.86
N PHE D 73 9.67 19.60 -8.39
CA PHE D 73 9.40 19.56 -9.82
C PHE D 73 7.99 19.01 -10.04
N PRO D 74 7.40 19.28 -11.21
CA PRO D 74 6.01 18.86 -11.44
C PRO D 74 5.82 17.35 -11.35
N THR D 75 4.71 16.93 -10.74
CA THR D 75 4.43 15.50 -10.57
C THR D 75 4.29 14.78 -11.90
N GLY D 76 3.77 15.46 -12.92
CA GLY D 76 3.59 14.86 -14.22
C GLY D 76 4.87 14.45 -14.91
N GLN D 77 6.02 14.96 -14.44
CA GLN D 77 7.30 14.59 -15.04
C GLN D 77 7.92 13.34 -14.44
N TRP D 78 7.27 12.71 -13.45
CA TRP D 78 7.94 11.63 -12.74
C TRP D 78 8.34 10.49 -13.66
N LEU D 79 7.45 10.07 -14.56
CA LEU D 79 7.77 8.92 -15.40
C LEU D 79 8.98 9.23 -16.27
N GLN D 80 9.06 10.46 -16.76
CA GLN D 80 10.21 10.86 -17.57
C GLN D 80 11.47 10.79 -16.72
N VAL D 81 11.37 11.23 -15.47
CA VAL D 81 12.52 11.17 -14.58
C VAL D 81 12.90 9.72 -14.29
N LEU D 82 11.90 8.83 -14.17
CA LEU D 82 12.24 7.44 -13.88
C LEU D 82 12.84 6.73 -15.08
N GLY D 83 12.47 7.14 -16.28
CA GLY D 83 13.07 6.57 -17.47
C GLY D 83 12.84 5.08 -17.55
N ASP D 84 13.89 4.36 -17.93
CA ASP D 84 13.80 2.92 -18.16
C ASP D 84 14.23 2.11 -16.94
N ASN D 85 14.43 2.76 -15.79
CA ASN D 85 14.93 2.12 -14.59
C ASN D 85 13.79 1.35 -13.92
N GLU D 86 13.79 0.02 -14.01
CA GLU D 86 12.68 -0.75 -13.48
C GLU D 86 12.65 -0.74 -11.96
N ARG D 87 13.82 -0.67 -11.33
CA ARG D 87 13.85 -0.58 -9.86
C ARG D 87 13.09 0.65 -9.38
N LEU D 88 13.33 1.80 -10.02
CA LEU D 88 12.63 3.02 -9.63
C LEU D 88 11.18 3.00 -10.05
N ARG D 89 10.88 2.45 -11.23
CA ARG D 89 9.50 2.41 -11.72
C ARG D 89 8.62 1.56 -10.83
N ILE D 90 9.18 0.51 -10.22
CA ILE D 90 8.41 -0.26 -9.24
C ILE D 90 8.38 0.47 -7.91
N GLY D 91 9.54 0.93 -7.43
CA GLY D 91 9.64 1.41 -6.07
C GLY D 91 9.13 2.82 -5.77
N ILE D 92 9.36 3.77 -6.67
CA ILE D 92 9.00 5.16 -6.38
C ILE D 92 7.47 5.34 -6.34
N PRO D 93 6.71 4.85 -7.32
CA PRO D 93 5.25 5.01 -7.23
C PRO D 93 4.61 4.26 -6.07
N ALA D 94 5.34 3.36 -5.43
CA ALA D 94 4.80 2.63 -4.28
C ALA D 94 4.93 3.39 -2.97
N ARG D 95 5.62 4.52 -2.96
CA ARG D 95 5.80 5.32 -1.73
C ARG D 95 4.50 6.02 -1.31
N GLU D 96 4.29 6.10 -0.01
CA GLU D 96 3.09 6.80 0.51
C GLU D 96 3.11 8.28 0.10
N ARG D 97 1.94 8.82 -0.29
CA ARG D 97 1.79 10.26 -0.62
C ARG D 97 2.67 10.69 -1.81
N LEU D 98 3.15 9.74 -2.60
CA LEU D 98 3.94 10.09 -3.79
C LEU D 98 3.07 9.86 -5.02
N VAL D 99 2.83 10.91 -5.81
CA VAL D 99 1.93 10.88 -6.96
C VAL D 99 2.73 11.11 -8.24
N VAL D 100 2.50 10.28 -9.26
CA VAL D 100 3.22 10.42 -10.53
C VAL D 100 2.32 10.86 -11.68
N PHE D 101 1.12 11.31 -11.35
CA PHE D 101 0.26 11.87 -12.43
C PHE D 101 0.29 13.38 -12.37
N GLY D 102 -0.18 14.02 -13.44
CA GLY D 102 -0.04 15.46 -13.50
C GLY D 102 -1.02 16.17 -12.59
N GLY D 103 -0.63 17.37 -12.16
CA GLY D 103 -1.53 18.17 -11.34
C GLY D 103 -0.90 18.80 -10.12
N GLY D 104 0.33 18.40 -9.78
CA GLY D 104 1.09 19.00 -8.71
C GLY D 104 2.23 19.84 -9.28
N LEU D 105 2.33 21.06 -8.78
CA LEU D 105 3.37 21.98 -9.29
C LEU D 105 4.12 22.61 -8.13
N PRO D 106 5.46 22.71 -8.24
CA PRO D 106 6.22 23.40 -7.21
C PRO D 106 6.03 24.89 -7.24
N VAL D 107 6.12 25.52 -6.08
CA VAL D 107 6.11 26.98 -6.02
C VAL D 107 7.56 27.43 -5.99
N LEU D 108 8.04 27.95 -7.10
CA LEU D 108 9.45 28.30 -7.24
C LEU D 108 9.59 29.81 -7.13
N LEU D 109 10.54 30.24 -6.30
CA LEU D 109 10.84 31.65 -6.13
C LEU D 109 12.35 31.79 -6.11
N ASP D 110 12.90 32.47 -7.11
CA ASP D 110 14.34 32.70 -7.21
C ASP D 110 15.12 31.39 -7.19
N ARG D 111 14.70 30.45 -8.05
CA ARG D 111 15.34 29.14 -8.25
C ARG D 111 15.17 28.21 -7.05
N GLN D 112 14.14 28.43 -6.25
CA GLN D 112 14.07 27.74 -4.98
C GLN D 112 12.63 27.38 -4.70
N CYS D 113 12.41 26.13 -4.29
CA CYS D 113 11.06 25.66 -4.00
C CYS D 113 10.65 26.08 -2.59
N ILE D 114 9.53 26.79 -2.48
CA ILE D 114 9.02 27.29 -1.21
C ILE D 114 7.65 26.72 -0.88
N GLY D 115 7.17 25.77 -1.68
CA GLY D 115 5.86 25.19 -1.42
C GLY D 115 5.38 24.39 -2.62
N GLY D 116 4.12 24.00 -2.56
CA GLY D 116 3.53 23.22 -3.63
C GLY D 116 2.03 23.43 -3.74
N ILE D 117 1.52 23.24 -4.95
CA ILE D 117 0.08 23.30 -5.19
C ILE D 117 -0.34 22.04 -5.96
N GLY D 118 -1.46 21.46 -5.55
CA GLY D 118 -1.97 20.25 -6.17
C GLY D 118 -3.46 20.37 -6.40
N VAL D 119 -3.92 19.92 -7.56
CA VAL D 119 -5.33 19.97 -7.93
C VAL D 119 -5.76 18.59 -8.38
N SER D 120 -6.95 18.15 -7.95
CA SER D 120 -7.51 16.90 -8.43
C SER D 120 -9.02 17.04 -8.57
N GLY D 121 -9.58 16.32 -9.55
CA GLY D 121 -11.03 16.33 -9.75
C GLY D 121 -11.45 16.40 -11.21
N GLY D 122 -10.55 16.85 -12.08
CA GLY D 122 -10.78 16.85 -13.52
C GLY D 122 -9.81 15.95 -14.26
N SER D 123 -9.67 16.15 -15.57
CA SER D 123 -8.60 15.52 -16.35
C SER D 123 -7.25 16.11 -15.96
N GLU D 124 -6.18 15.38 -16.28
CA GLU D 124 -4.84 15.88 -15.95
C GLU D 124 -4.72 17.32 -16.47
N GLU D 125 -5.21 17.56 -17.68
CA GLU D 125 -5.11 18.90 -18.31
C GLU D 125 -5.85 19.93 -17.45
N GLN D 126 -7.10 19.64 -17.10
CA GLN D 126 -7.90 20.60 -16.30
C GLN D 126 -7.22 20.86 -14.94
N ASP D 127 -6.65 19.83 -14.33
CA ASP D 127 -5.98 19.98 -13.02
C ASP D 127 -4.78 20.92 -13.16
N GLU D 128 -3.93 20.60 -14.13
CA GLU D 128 -2.73 21.43 -14.38
C GLU D 128 -3.16 22.87 -14.65
N ALA D 129 -4.21 23.06 -15.44
CA ALA D 129 -4.73 24.42 -15.73
C ALA D 129 -5.12 25.14 -14.45
N CYS D 130 -5.90 24.49 -13.58
CA CYS D 130 -6.36 25.16 -12.35
C CYS D 130 -5.16 25.47 -11.46
N ALA D 131 -4.22 24.53 -11.39
CA ALA D 131 -3.01 24.73 -10.58
C ALA D 131 -2.18 25.88 -11.16
N GLU D 132 -2.06 25.90 -12.49
CA GLU D 132 -1.29 26.99 -13.15
C GLU D 132 -1.97 28.32 -12.84
N ALA D 133 -3.30 28.35 -12.79
CA ALA D 133 -4.02 29.59 -12.45
C ALA D 133 -3.68 30.01 -11.03
N GLY D 134 -3.75 29.06 -10.09
CA GLY D 134 -3.39 29.39 -8.71
C GLY D 134 -1.98 29.93 -8.61
N LEU D 135 -1.08 29.35 -9.40
CA LEU D 135 0.34 29.77 -9.38
C LEU D 135 0.45 31.18 -9.98
N ARG D 136 -0.11 31.36 -11.17
CA ARG D 136 -0.09 32.69 -11.82
C ARG D 136 -0.64 33.73 -10.85
N ALA D 137 -1.68 33.38 -10.09
CA ALA D 137 -2.32 34.37 -9.19
C ALA D 137 -1.42 34.72 -8.01
#